data_3CNH
#
_entry.id   3CNH
#
_cell.length_a   74.108
_cell.length_b   74.108
_cell.length_c   160.923
_cell.angle_alpha   90.000
_cell.angle_beta   90.000
_cell.angle_gamma   90.000
#
_symmetry.space_group_name_H-M   'P 41 21 2'
#
loop_
_entity.id
_entity.type
_entity.pdbx_description
1 polymer 'Hydrolase family protein'
2 non-polymer 'SODIUM ION'
3 non-polymer 'PHOSPHATE ION'
4 non-polymer 'TETRAETHYLENE GLYCOL'
5 non-polymer GLYCEROL
6 water water
#
_entity_poly.entity_id   1
_entity_poly.type   'polypeptide(L)'
_entity_poly.pdbx_seq_one_letter_code
;G(MSE)TIKALFWDIGGVLLTNGWDREQRADVAQRFGLDTDDFTERHRLAAPELELGR(MSE)TLAEYLEQVVFYQPRDF
TPEDFRAV(MSE)EEQSQPRPEVLALARDLGQRYR(MSE)YSLNNEGRDLNEYRIRTFGLGEFLLAFFTSSALGV(MSE)
KPNPA(MSE)YRLGLTLAQVRPEEAV(MSE)VDDRLQNVQAARAVG(MSE)HAVQCVDAAQLREELAALGVR
;
_entity_poly.pdbx_strand_id   A,B
#
loop_
_chem_comp.id
_chem_comp.type
_chem_comp.name
_chem_comp.formula
GOL non-polymer GLYCEROL 'C3 H8 O3'
NA non-polymer 'SODIUM ION' 'Na 1'
PG4 non-polymer 'TETRAETHYLENE GLYCOL' 'C8 H18 O5'
PO4 non-polymer 'PHOSPHATE ION' 'O4 P -3'
#
# COMPACT_ATOMS: atom_id res chain seq x y z
N GLY A 1 20.03 17.33 -7.87
CA GLY A 1 18.79 17.33 -7.03
C GLY A 1 18.85 16.16 -6.09
N MSE A 2 17.76 15.93 -5.34
CA MSE A 2 17.70 14.78 -4.44
C MSE A 2 17.92 13.55 -5.30
O MSE A 2 17.62 13.53 -6.50
CB MSE A 2 16.34 14.65 -3.69
CG MSE A 2 15.95 15.82 -2.76
SE MSE A 2 14.49 15.36 -1.46
CE MSE A 2 15.46 13.99 -0.41
N THR A 3 18.51 12.55 -4.69
CA THR A 3 18.67 11.25 -5.33
C THR A 3 17.28 10.62 -5.36
N ILE A 4 16.93 10.06 -6.50
CA ILE A 4 15.63 9.34 -6.62
C ILE A 4 15.69 8.01 -5.91
N LYS A 5 14.73 7.78 -5.02
CA LYS A 5 14.66 6.55 -4.25
C LYS A 5 13.56 5.59 -4.69
N ALA A 6 12.57 6.07 -5.41
CA ALA A 6 11.52 5.16 -5.84
C ALA A 6 10.92 5.57 -7.16
N LEU A 7 10.60 4.58 -7.98
CA LEU A 7 9.83 4.80 -9.24
C LEU A 7 8.47 4.17 -9.11
N PHE A 8 7.48 4.93 -9.57
CA PHE A 8 6.09 4.52 -9.59
C PHE A 8 5.67 4.41 -11.06
N TRP A 9 5.12 3.25 -11.39
CA TRP A 9 4.79 2.91 -12.76
C TRP A 9 3.31 2.66 -13.02
N ASP A 10 2.85 3.39 -14.01
CA ASP A 10 1.55 3.12 -14.66
C ASP A 10 1.78 1.77 -15.33
N ILE A 11 0.73 0.98 -15.47
CA ILE A 11 0.85 -0.32 -16.17
C ILE A 11 0.29 -0.20 -17.59
N GLY A 12 -0.99 0.08 -17.69
CA GLY A 12 -1.65 0.23 -19.01
C GLY A 12 -1.11 1.38 -19.84
N GLY A 13 -0.68 1.06 -21.05
CA GLY A 13 -0.10 2.01 -21.98
C GLY A 13 1.37 2.30 -21.77
N VAL A 14 1.93 1.61 -20.80
CA VAL A 14 3.35 1.75 -20.46
C VAL A 14 4.05 0.39 -20.50
N LEU A 15 3.74 -0.42 -19.50
CA LEU A 15 4.32 -1.78 -19.40
C LEU A 15 3.59 -2.79 -20.27
N LEU A 16 2.29 -2.61 -20.32
CA LEU A 16 1.37 -3.46 -21.09
C LEU A 16 0.42 -2.58 -21.84
N THR A 17 -0.33 -3.21 -22.71
CA THR A 17 -1.45 -2.51 -23.37
C THR A 17 -2.46 -2.17 -22.28
N ASN A 18 -3.40 -1.29 -22.58
CA ASN A 18 -4.52 -1.07 -21.65
C ASN A 18 -5.28 -2.37 -21.50
N GLY A 19 -5.95 -2.52 -20.38
CA GLY A 19 -6.67 -3.77 -20.10
C GLY A 19 -8.08 -3.82 -20.66
N TRP A 20 -8.71 -2.67 -20.69
CA TRP A 20 -10.15 -2.64 -21.06
C TRP A 20 -10.56 -1.25 -21.53
N ASP A 21 -9.81 -0.78 -22.51
CA ASP A 21 -10.03 0.53 -23.13
C ASP A 21 -11.10 0.51 -24.20
N ARG A 22 -11.39 1.70 -24.69
CA ARG A 22 -12.45 1.88 -25.68
C ARG A 22 -12.34 0.95 -26.87
N GLU A 23 -11.12 0.84 -27.38
CA GLU A 23 -10.91 0.09 -28.62
C GLU A 23 -11.10 -1.41 -28.40
N GLN A 24 -10.58 -1.86 -27.30
CA GLN A 24 -10.68 -3.26 -26.91
CA GLN A 24 -10.70 -3.29 -26.96
C GLN A 24 -12.12 -3.65 -26.61
N ARG A 25 -12.80 -2.77 -25.89
CA ARG A 25 -14.23 -3.07 -25.57
C ARG A 25 -15.02 -3.17 -26.85
N ALA A 26 -14.70 -2.31 -27.79
CA ALA A 26 -15.43 -2.25 -29.08
C ALA A 26 -15.29 -3.58 -29.80
N ASP A 27 -14.08 -4.07 -29.73
CA ASP A 27 -13.69 -5.29 -30.41
C ASP A 27 -14.42 -6.48 -29.79
N VAL A 28 -14.28 -6.55 -28.47
CA VAL A 28 -14.87 -7.68 -27.71
C VAL A 28 -16.40 -7.70 -27.85
N ALA A 29 -16.97 -6.51 -27.87
CA ALA A 29 -18.43 -6.37 -28.00
C ALA A 29 -18.89 -6.94 -29.31
N GLN A 30 -18.13 -6.64 -30.34
CA GLN A 30 -18.46 -7.11 -31.70
C GLN A 30 -18.41 -8.65 -31.75
N ARG A 31 -17.38 -9.19 -31.13
CA ARG A 31 -17.19 -10.64 -31.12
C ARG A 31 -18.35 -11.37 -30.47
N PHE A 32 -18.91 -10.75 -29.45
CA PHE A 32 -19.99 -11.36 -28.65
C PHE A 32 -21.36 -10.95 -29.10
N GLY A 33 -21.38 -10.13 -30.13
CA GLY A 33 -22.64 -9.70 -30.75
C GLY A 33 -23.48 -8.79 -29.90
N LEU A 34 -22.78 -7.97 -29.13
CA LEU A 34 -23.48 -7.01 -28.24
C LEU A 34 -23.91 -5.73 -28.94
N ASP A 35 -25.05 -5.20 -28.50
CA ASP A 35 -25.51 -3.87 -28.97
C ASP A 35 -24.49 -2.90 -28.42
N THR A 36 -23.71 -2.29 -29.30
CA THR A 36 -22.60 -1.44 -28.84
C THR A 36 -23.03 -0.20 -28.05
N ASP A 37 -24.12 0.43 -28.45
CA ASP A 37 -24.57 1.64 -27.75
C ASP A 37 -24.98 1.36 -26.29
N ASP A 38 -25.74 0.30 -26.13
CA ASP A 38 -26.25 -0.11 -24.81
CA ASP A 38 -26.24 -0.12 -24.82
C ASP A 38 -25.06 -0.54 -23.96
N PHE A 39 -24.16 -1.31 -24.55
CA PHE A 39 -22.96 -1.80 -23.85
C PHE A 39 -22.10 -0.66 -23.36
N THR A 40 -21.86 0.30 -24.25
CA THR A 40 -21.01 1.44 -23.92
C THR A 40 -21.60 2.29 -22.80
N GLU A 41 -22.90 2.50 -22.89
CA GLU A 41 -23.59 3.35 -21.89
C GLU A 41 -23.56 2.65 -20.51
N ARG A 42 -23.80 1.35 -20.54
CA ARG A 42 -23.79 0.58 -19.28
C ARG A 42 -22.41 0.50 -18.65
N HIS A 43 -21.40 0.35 -19.49
CA HIS A 43 -20.03 0.32 -19.05
C HIS A 43 -19.68 1.65 -18.41
N ARG A 44 -20.09 2.75 -19.06
CA ARG A 44 -19.77 4.10 -18.58
CA ARG A 44 -19.70 4.07 -18.54
C ARG A 44 -20.24 4.28 -17.13
N LEU A 45 -21.43 3.77 -16.90
CA LEU A 45 -22.05 3.90 -15.58
C LEU A 45 -21.38 3.07 -14.52
N ALA A 46 -21.06 1.83 -14.87
CA ALA A 46 -20.55 0.85 -13.88
C ALA A 46 -19.06 0.79 -13.69
N ALA A 47 -18.32 1.17 -14.73
CA ALA A 47 -16.88 1.03 -14.68
C ALA A 47 -16.13 1.65 -13.49
N PRO A 48 -16.47 2.88 -13.10
CA PRO A 48 -15.66 3.48 -12.05
C PRO A 48 -15.65 2.69 -10.76
N GLU A 49 -16.82 2.11 -10.41
CA GLU A 49 -16.92 1.38 -9.17
C GLU A 49 -16.16 0.07 -9.23
N LEU A 50 -16.08 -0.50 -10.43
CA LEU A 50 -15.30 -1.72 -10.62
C LEU A 50 -13.80 -1.37 -10.45
N GLU A 51 -13.43 -0.30 -11.11
CA GLU A 51 -12.05 0.22 -11.07
CA GLU A 51 -12.03 0.18 -11.04
C GLU A 51 -11.59 0.54 -9.63
N LEU A 52 -12.52 0.98 -8.82
CA LEU A 52 -12.26 1.36 -7.42
C LEU A 52 -12.42 0.21 -6.42
N GLY A 53 -12.77 -0.95 -6.96
CA GLY A 53 -12.92 -2.16 -6.16
C GLY A 53 -14.11 -2.21 -5.24
N ARG A 54 -15.13 -1.43 -5.57
CA ARG A 54 -16.34 -1.31 -4.77
C ARG A 54 -17.53 -2.09 -5.38
N MSE A 55 -17.28 -2.60 -6.57
CA MSE A 55 -18.20 -3.58 -7.16
CA MSE A 55 -18.16 -3.51 -7.32
C MSE A 55 -17.33 -4.69 -7.76
O MSE A 55 -16.16 -4.51 -8.11
CB MSE A 55 -19.25 -2.99 -8.11
CB MSE A 55 -18.71 -2.86 -8.60
CG MSE A 55 -19.04 -3.22 -9.56
CG MSE A 55 -19.98 -2.08 -8.39
SE MSE A 55 -20.11 -2.15 -10.76
SE MSE A 55 -20.80 -1.46 -10.03
CE MSE A 55 -21.92 -2.82 -10.61
CE MSE A 55 -21.08 -3.18 -10.87
N THR A 56 -17.91 -5.88 -7.77
CA THR A 56 -17.19 -7.04 -8.26
C THR A 56 -17.31 -7.15 -9.78
N LEU A 57 -16.43 -7.94 -10.36
CA LEU A 57 -16.51 -8.18 -11.81
C LEU A 57 -17.84 -8.83 -12.15
N ALA A 58 -18.33 -9.68 -11.27
CA ALA A 58 -19.58 -10.39 -11.53
C ALA A 58 -20.71 -9.37 -11.63
N GLU A 59 -20.68 -8.45 -10.68
CA GLU A 59 -21.67 -7.38 -10.61
C GLU A 59 -21.64 -6.50 -11.86
N TYR A 60 -20.43 -6.12 -12.22
CA TYR A 60 -20.23 -5.30 -13.43
C TYR A 60 -20.78 -6.05 -14.64
N LEU A 61 -20.40 -7.32 -14.77
CA LEU A 61 -20.85 -8.11 -15.95
C LEU A 61 -22.36 -8.28 -16.00
N GLU A 62 -22.97 -8.37 -14.82
CA GLU A 62 -24.42 -8.51 -14.68
CA GLU A 62 -24.42 -8.54 -14.76
C GLU A 62 -25.12 -7.31 -15.29
N GLN A 63 -24.53 -6.14 -15.04
CA GLN A 63 -25.15 -4.90 -15.53
C GLN A 63 -24.79 -4.55 -16.97
N VAL A 64 -23.58 -4.89 -17.32
CA VAL A 64 -23.01 -4.43 -18.60
C VAL A 64 -23.26 -5.38 -19.77
N VAL A 65 -23.36 -6.67 -19.45
CA VAL A 65 -23.52 -7.73 -20.43
C VAL A 65 -24.69 -8.66 -20.23
N PHE A 66 -24.80 -9.20 -19.02
CA PHE A 66 -25.80 -10.25 -18.73
C PHE A 66 -27.10 -9.73 -18.14
N TYR A 67 -27.59 -8.67 -18.77
CA TYR A 67 -28.88 -8.03 -18.37
C TYR A 67 -29.99 -8.57 -19.24
N GLN A 68 -29.61 -9.45 -20.16
CA GLN A 68 -30.56 -10.18 -21.01
C GLN A 68 -29.93 -11.51 -21.35
N PRO A 69 -30.72 -12.47 -21.83
CA PRO A 69 -30.15 -13.80 -22.14
C PRO A 69 -29.07 -13.74 -23.16
N ARG A 70 -28.03 -14.51 -22.89
CA ARG A 70 -26.84 -14.61 -23.76
C ARG A 70 -26.49 -16.06 -24.05
N ASP A 71 -25.89 -16.29 -25.21
CA ASP A 71 -25.52 -17.64 -25.61
C ASP A 71 -24.08 -17.92 -25.30
N PHE A 72 -23.61 -17.27 -24.27
CA PHE A 72 -22.27 -17.49 -23.76
C PHE A 72 -22.28 -17.19 -22.26
N THR A 73 -21.18 -17.55 -21.59
CA THR A 73 -21.10 -17.39 -20.14
C THR A 73 -20.21 -16.26 -19.66
N PRO A 74 -20.36 -15.87 -18.39
CA PRO A 74 -19.52 -14.80 -17.87
C PRO A 74 -18.06 -15.20 -17.91
N GLU A 75 -17.84 -16.51 -17.80
CA GLU A 75 -16.48 -17.04 -17.82
C GLU A 75 -15.88 -16.87 -19.21
N ASP A 76 -16.71 -17.12 -20.20
CA ASP A 76 -16.31 -16.97 -21.62
C ASP A 76 -15.88 -15.52 -21.81
N PHE A 77 -16.70 -14.62 -21.27
CA PHE A 77 -16.50 -13.19 -21.51
C PHE A 77 -15.24 -12.70 -20.82
N ARG A 78 -15.09 -13.16 -19.60
CA ARG A 78 -13.96 -12.78 -18.79
CA ARG A 78 -13.92 -12.81 -18.77
C ARG A 78 -12.64 -13.22 -19.45
N ALA A 79 -12.67 -14.39 -20.07
CA ALA A 79 -11.47 -14.93 -20.74
C ALA A 79 -11.02 -14.00 -21.84
N VAL A 80 -11.98 -13.55 -22.63
CA VAL A 80 -11.67 -12.67 -23.77
C VAL A 80 -11.23 -11.28 -23.27
N MSE A 81 -11.81 -10.84 -22.16
CA MSE A 81 -11.36 -9.56 -21.56
C MSE A 81 -9.88 -9.68 -21.22
O MSE A 81 -9.06 -8.83 -21.59
CB MSE A 81 -12.11 -9.22 -20.27
CG MSE A 81 -13.53 -8.86 -20.46
SE MSE A 81 -14.43 -8.45 -18.78
CE MSE A 81 -13.18 -7.23 -18.09
N GLU A 82 -9.54 -10.77 -20.57
CA GLU A 82 -8.16 -10.99 -20.09
C GLU A 82 -7.16 -11.00 -21.24
N GLU A 83 -7.58 -11.59 -22.33
CA GLU A 83 -6.74 -11.72 -23.52
C GLU A 83 -6.41 -10.43 -24.24
N GLN A 84 -7.08 -9.36 -23.87
CA GLN A 84 -6.81 -8.05 -24.48
C GLN A 84 -5.46 -7.53 -24.01
N SER A 85 -4.98 -8.08 -22.90
CA SER A 85 -3.72 -7.62 -22.28
C SER A 85 -2.54 -8.25 -22.99
N GLN A 86 -1.68 -7.37 -23.50
CA GLN A 86 -0.49 -7.80 -24.21
C GLN A 86 0.72 -6.96 -23.75
N PRO A 87 1.92 -7.49 -23.94
CA PRO A 87 3.03 -6.69 -23.46
C PRO A 87 3.46 -5.59 -24.37
N ARG A 88 4.14 -4.63 -23.76
CA ARG A 88 4.88 -3.58 -24.48
CA ARG A 88 4.87 -3.58 -24.50
C ARG A 88 6.35 -3.94 -24.27
N PRO A 89 6.91 -4.83 -25.13
CA PRO A 89 8.21 -5.40 -24.93
C PRO A 89 9.37 -4.50 -24.57
N GLU A 90 9.52 -3.39 -25.28
CA GLU A 90 10.67 -2.53 -25.04
C GLU A 90 10.63 -1.84 -23.68
N VAL A 91 9.44 -1.39 -23.30
CA VAL A 91 9.28 -0.68 -22.01
C VAL A 91 9.41 -1.69 -20.87
N LEU A 92 8.82 -2.85 -21.09
CA LEU A 92 8.96 -3.97 -20.12
CA LEU A 92 8.89 -3.91 -20.10
C LEU A 92 10.38 -4.28 -19.84
N ALA A 93 11.14 -4.39 -20.91
CA ALA A 93 12.53 -4.73 -20.80
C ALA A 93 13.29 -3.67 -20.01
N LEU A 94 12.94 -2.43 -20.24
CA LEU A 94 13.59 -1.30 -19.53
C LEU A 94 13.30 -1.41 -18.04
N ALA A 95 12.03 -1.61 -17.77
CA ALA A 95 11.57 -1.68 -16.36
C ALA A 95 12.24 -2.86 -15.66
N ARG A 96 12.32 -3.98 -16.36
CA ARG A 96 12.96 -5.18 -15.78
C ARG A 96 14.41 -4.90 -15.44
N ASP A 97 15.06 -4.14 -16.29
CA ASP A 97 16.47 -3.80 -16.09
C ASP A 97 16.62 -2.90 -14.87
N LEU A 98 15.84 -1.84 -14.88
CA LEU A 98 15.91 -0.82 -13.81
C LEU A 98 15.53 -1.40 -12.45
N GLY A 99 14.68 -2.41 -12.48
CA GLY A 99 14.21 -3.04 -11.25
C GLY A 99 15.33 -3.72 -10.48
N GLN A 100 16.46 -3.93 -11.16
CA GLN A 100 17.61 -4.54 -10.51
C GLN A 100 18.33 -3.56 -9.62
N ARG A 101 18.04 -2.29 -9.82
CA ARG A 101 18.80 -1.22 -9.13
C ARG A 101 17.98 -0.23 -8.34
N TYR A 102 16.67 -0.28 -8.56
CA TYR A 102 15.75 0.64 -7.90
C TYR A 102 14.57 -0.04 -7.34
N ARG A 103 14.08 0.53 -6.24
CA ARG A 103 12.79 0.14 -5.70
C ARG A 103 11.72 0.77 -6.57
N MSE A 104 10.81 -0.08 -7.02
CA MSE A 104 9.76 0.35 -7.93
C MSE A 104 8.42 -0.25 -7.55
O MSE A 104 8.34 -1.36 -7.02
CB MSE A 104 10.15 -0.01 -9.37
CG MSE A 104 11.58 0.35 -9.69
SE MSE A 104 12.04 0.34 -11.59
CE MSE A 104 11.09 -1.29 -12.03
N TYR A 105 7.38 0.49 -7.86
CA TYR A 105 6.02 0.14 -7.47
C TYR A 105 5.06 0.52 -8.58
N SER A 106 3.92 -0.16 -8.65
CA SER A 106 2.88 0.30 -9.59
C SER A 106 2.06 1.36 -8.91
N LEU A 107 1.51 2.21 -9.75
CA LEU A 107 0.49 3.21 -9.32
C LEU A 107 -0.44 3.28 -10.51
N ASN A 108 -1.53 2.53 -10.43
CA ASN A 108 -2.34 2.27 -11.62
C ASN A 108 -3.77 2.02 -11.34
N ASN A 109 -4.56 2.31 -12.37
CA ASN A 109 -6.02 2.09 -12.32
C ASN A 109 -6.40 0.81 -13.03
N GLU A 110 -7.08 -0.08 -12.30
CA GLU A 110 -7.47 -1.35 -12.86
C GLU A 110 -8.34 -2.11 -11.89
N GLY A 111 -9.37 -2.75 -12.44
CA GLY A 111 -10.17 -3.68 -11.65
C GLY A 111 -9.28 -4.80 -11.12
N ARG A 112 -9.71 -5.37 -10.02
CA ARG A 112 -8.91 -6.40 -9.33
CA ARG A 112 -8.91 -6.41 -9.35
C ARG A 112 -8.59 -7.62 -10.18
N ASP A 113 -9.61 -8.17 -10.82
CA ASP A 113 -9.42 -9.41 -11.54
CA ASP A 113 -9.45 -9.41 -11.60
C ASP A 113 -8.45 -9.26 -12.72
N LEU A 114 -8.65 -8.24 -13.52
CA LEU A 114 -7.74 -7.98 -14.66
CA LEU A 114 -7.77 -7.98 -14.66
C LEU A 114 -6.37 -7.62 -14.16
N ASN A 115 -6.33 -6.86 -13.09
CA ASN A 115 -5.02 -6.45 -12.52
C ASN A 115 -4.18 -7.67 -12.16
N GLU A 116 -4.80 -8.60 -11.47
CA GLU A 116 -4.10 -9.80 -10.95
C GLU A 116 -3.72 -10.72 -12.10
N TYR A 117 -4.60 -10.80 -13.10
CA TYR A 117 -4.28 -11.60 -14.30
C TYR A 117 -3.05 -11.03 -15.00
N ARG A 118 -2.99 -9.71 -15.08
CA ARG A 118 -1.90 -9.01 -15.80
C ARG A 118 -0.58 -9.20 -15.06
N ILE A 119 -0.68 -9.09 -13.75
CA ILE A 119 0.53 -9.19 -12.91
C ILE A 119 1.12 -10.57 -13.01
N ARG A 120 0.26 -11.59 -12.93
CA ARG A 120 0.76 -12.97 -12.94
CA ARG A 120 0.76 -12.96 -12.94
C ARG A 120 1.23 -13.37 -14.32
N THR A 121 0.45 -13.00 -15.32
CA THR A 121 0.77 -13.41 -16.71
C THR A 121 2.07 -12.84 -17.23
N PHE A 122 2.37 -11.62 -16.83
CA PHE A 122 3.54 -10.90 -17.34
C PHE A 122 4.67 -10.75 -16.33
N GLY A 123 4.50 -11.42 -15.20
CA GLY A 123 5.54 -11.41 -14.15
C GLY A 123 5.93 -10.04 -13.62
N LEU A 124 4.92 -9.18 -13.48
CA LEU A 124 5.18 -7.79 -13.10
C LEU A 124 5.81 -7.67 -11.70
N GLY A 125 5.49 -8.65 -10.89
CA GLY A 125 5.97 -8.75 -9.52
C GLY A 125 7.44 -9.05 -9.41
N GLU A 126 8.07 -9.37 -10.52
CA GLU A 126 9.50 -9.65 -10.47
C GLU A 126 10.26 -8.37 -10.29
N PHE A 127 9.66 -7.27 -10.73
CA PHE A 127 10.37 -5.97 -10.69
C PHE A 127 9.61 -4.84 -9.99
N LEU A 128 8.35 -5.08 -9.66
CA LEU A 128 7.55 -4.13 -8.90
C LEU A 128 7.30 -4.78 -7.54
N LEU A 129 7.61 -4.01 -6.50
CA LEU A 129 7.60 -4.48 -5.10
C LEU A 129 6.22 -4.45 -4.46
N ALA A 130 5.37 -3.58 -4.98
CA ALA A 130 4.00 -3.48 -4.51
C ALA A 130 3.18 -2.83 -5.61
N PHE A 131 1.89 -3.05 -5.52
CA PHE A 131 0.98 -2.62 -6.55
C PHE A 131 -0.08 -1.70 -5.95
N PHE A 132 0.14 -0.40 -6.09
CA PHE A 132 -0.78 0.60 -5.53
C PHE A 132 -1.84 0.85 -6.59
N THR A 133 -2.78 -0.08 -6.58
CA THR A 133 -3.82 -0.17 -7.60
C THR A 133 -5.15 0.36 -7.11
N SER A 134 -5.86 1.01 -8.00
CA SER A 134 -7.13 1.66 -7.64
C SER A 134 -8.13 0.76 -6.94
N SER A 135 -8.21 -0.47 -7.42
CA SER A 135 -9.21 -1.44 -6.92
C SER A 135 -8.85 -1.95 -5.54
N ALA A 136 -7.59 -1.79 -5.17
CA ALA A 136 -7.17 -2.14 -3.81
C ALA A 136 -7.32 -0.99 -2.82
N LEU A 137 -7.08 0.23 -3.31
CA LEU A 137 -6.98 1.43 -2.47
C LEU A 137 -8.21 2.28 -2.40
N GLY A 138 -9.11 2.10 -3.35
CA GLY A 138 -10.37 2.87 -3.33
C GLY A 138 -10.31 4.32 -3.79
N VAL A 139 -9.20 4.66 -4.42
CA VAL A 139 -8.97 5.96 -5.08
C VAL A 139 -8.26 5.66 -6.39
N MSE A 140 -8.34 6.60 -7.33
CA MSE A 140 -7.79 6.40 -8.67
C MSE A 140 -7.06 7.64 -9.16
O MSE A 140 -7.36 8.76 -8.79
CB MSE A 140 -8.92 6.05 -9.67
CG MSE A 140 -9.76 7.23 -9.93
SE MSE A 140 -11.12 6.89 -11.32
CE MSE A 140 -12.04 5.85 -10.38
N LYS A 141 -6.04 7.42 -9.99
CA LYS A 141 -5.44 8.52 -10.71
C LYS A 141 -6.59 9.12 -11.51
N PRO A 142 -6.58 10.42 -11.77
CA PRO A 142 -5.54 11.42 -11.49
C PRO A 142 -5.74 12.17 -10.17
N ASN A 143 -6.51 11.58 -9.28
CA ASN A 143 -6.76 12.20 -7.96
C ASN A 143 -5.45 12.49 -7.24
N PRO A 144 -5.22 13.74 -6.86
CA PRO A 144 -3.98 14.00 -6.12
C PRO A 144 -3.80 13.05 -4.93
N ALA A 145 -4.93 12.66 -4.33
CA ALA A 145 -4.86 11.75 -3.15
C ALA A 145 -4.22 10.41 -3.49
N MSE A 146 -4.36 9.95 -4.72
CA MSE A 146 -3.76 8.64 -5.10
C MSE A 146 -2.25 8.74 -5.06
O MSE A 146 -1.54 7.84 -4.59
CB MSE A 146 -4.21 8.25 -6.49
CG MSE A 146 -3.58 7.09 -7.09
SE MSE A 146 -3.95 5.47 -6.03
CE MSE A 146 -4.16 4.15 -7.53
N TYR A 147 -1.73 9.84 -5.60
CA TYR A 147 -0.28 10.04 -5.65
C TYR A 147 0.27 10.13 -4.23
N ARG A 148 -0.42 10.90 -3.41
CA ARG A 148 -0.01 11.09 -2.01
CA ARG A 148 0.01 11.08 -2.02
C ARG A 148 -0.03 9.76 -1.26
N LEU A 149 -1.03 8.96 -1.57
CA LEU A 149 -1.17 7.65 -0.89
C LEU A 149 0.00 6.75 -1.26
N GLY A 150 0.38 6.80 -2.52
CA GLY A 150 1.50 5.97 -3.00
C GLY A 150 2.78 6.34 -2.28
N LEU A 151 3.00 7.64 -2.18
CA LEU A 151 4.16 8.18 -1.47
C LEU A 151 4.16 7.75 0.00
N THR A 152 3.00 7.83 0.61
CA THR A 152 2.83 7.48 2.02
C THR A 152 3.13 5.98 2.26
N LEU A 153 2.66 5.15 1.34
CA LEU A 153 2.86 3.69 1.48
C LEU A 153 4.31 3.32 1.26
N ALA A 154 4.93 3.98 0.30
CA ALA A 154 6.37 3.70 0.00
C ALA A 154 7.31 4.38 0.97
N GLN A 155 6.78 5.34 1.71
CA GLN A 155 7.59 6.20 2.62
C GLN A 155 8.78 6.86 1.94
N VAL A 156 8.45 7.60 0.89
CA VAL A 156 9.45 8.45 0.23
CA VAL A 156 9.40 8.41 0.11
C VAL A 156 8.87 9.83 0.03
N ARG A 157 9.76 10.79 0.08
CA ARG A 157 9.40 12.21 -0.10
CA ARG A 157 9.33 12.19 -0.08
C ARG A 157 9.02 12.43 -1.57
N PRO A 158 8.16 13.40 -1.84
CA PRO A 158 7.75 13.61 -3.25
C PRO A 158 8.92 13.79 -4.19
N GLU A 159 9.93 14.53 -3.75
CA GLU A 159 11.09 14.86 -4.62
C GLU A 159 12.05 13.70 -4.80
N GLU A 160 11.78 12.65 -4.07
CA GLU A 160 12.61 11.43 -4.14
C GLU A 160 11.95 10.37 -5.00
N ALA A 161 10.84 10.78 -5.60
CA ALA A 161 10.05 9.85 -6.42
C ALA A 161 9.83 10.33 -7.84
N VAL A 162 9.71 9.35 -8.73
CA VAL A 162 9.36 9.62 -10.12
CA VAL A 162 9.34 9.63 -10.11
C VAL A 162 8.18 8.75 -10.53
N MSE A 163 7.17 9.41 -11.10
CA MSE A 163 6.00 8.78 -11.71
C MSE A 163 6.17 8.68 -13.22
O MSE A 163 6.57 9.64 -13.89
CB MSE A 163 4.74 9.63 -11.45
CG MSE A 163 3.48 9.14 -12.11
SE MSE A 163 2.84 7.56 -11.15
CE MSE A 163 1.65 6.81 -12.58
N VAL A 164 5.88 7.48 -13.74
CA VAL A 164 5.91 7.21 -15.17
C VAL A 164 4.49 6.86 -15.63
N ASP A 165 3.96 7.66 -16.53
CA ASP A 165 2.55 7.47 -17.03
C ASP A 165 2.49 7.88 -18.47
N ASP A 166 1.54 7.34 -19.22
CA ASP A 166 1.45 7.74 -20.63
C ASP A 166 0.56 8.93 -20.86
N ARG A 167 -0.18 9.32 -19.83
CA ARG A 167 -1.11 10.46 -19.93
C ARG A 167 -0.55 11.71 -19.26
N LEU A 168 -0.54 12.79 -20.02
CA LEU A 168 -0.07 14.08 -19.55
C LEU A 168 -0.82 14.52 -18.28
N GLN A 169 -2.14 14.33 -18.28
CA GLN A 169 -2.91 14.75 -17.09
C GLN A 169 -2.40 14.08 -15.82
N ASN A 170 -1.99 12.82 -15.95
CA ASN A 170 -1.46 12.04 -14.80
C ASN A 170 -0.06 12.52 -14.41
N VAL A 171 0.75 12.85 -15.43
CA VAL A 171 2.09 13.37 -15.19
C VAL A 171 2.01 14.71 -14.44
N GLN A 172 1.09 15.53 -14.92
CA GLN A 172 0.90 16.85 -14.31
C GLN A 172 0.40 16.75 -12.87
N ALA A 173 -0.52 15.82 -12.61
CA ALA A 173 -1.07 15.65 -11.26
C ALA A 173 0.00 15.19 -10.28
N ALA A 174 0.85 14.31 -10.76
CA ALA A 174 1.97 13.82 -9.96
C ALA A 174 2.88 14.99 -9.60
N ARG A 175 3.22 15.79 -10.60
CA ARG A 175 4.10 16.93 -10.35
C ARG A 175 3.47 17.93 -9.37
N ALA A 176 2.14 17.99 -9.40
CA ALA A 176 1.41 18.97 -8.57
C ALA A 176 1.51 18.61 -7.09
N VAL A 177 1.81 17.36 -6.80
CA VAL A 177 1.99 16.92 -5.38
C VAL A 177 3.47 16.91 -4.99
N GLY A 178 4.29 17.31 -5.95
CA GLY A 178 5.73 17.45 -5.73
C GLY A 178 6.64 16.37 -6.26
N MSE A 179 6.06 15.39 -6.92
CA MSE A 179 6.83 14.27 -7.51
C MSE A 179 7.49 14.69 -8.81
O MSE A 179 7.05 15.61 -9.48
CB MSE A 179 5.93 13.06 -7.83
CG MSE A 179 5.32 12.40 -6.61
SE MSE A 179 4.05 11.09 -7.14
CE MSE A 179 5.16 9.67 -7.58
N HIS A 180 8.59 14.00 -9.13
CA HIS A 180 9.07 14.07 -10.49
C HIS A 180 8.15 13.17 -11.31
N ALA A 181 8.10 13.44 -12.61
CA ALA A 181 7.28 12.62 -13.49
C ALA A 181 7.81 12.73 -14.92
N VAL A 182 7.68 11.62 -15.61
CA VAL A 182 7.99 11.54 -17.04
C VAL A 182 6.85 10.89 -17.79
N GLN A 183 6.46 11.52 -18.88
CA GLN A 183 5.44 10.95 -19.77
C GLN A 183 6.07 9.90 -20.67
N CYS A 184 5.56 8.68 -20.59
CA CYS A 184 6.10 7.58 -21.38
C CYS A 184 5.56 7.61 -22.80
N VAL A 185 6.46 7.88 -23.74
CA VAL A 185 6.16 7.88 -25.17
C VAL A 185 6.75 6.62 -25.78
N ASP A 186 8.03 6.40 -25.52
CA ASP A 186 8.67 5.14 -25.93
C ASP A 186 9.85 4.81 -25.04
N ALA A 187 10.32 3.58 -25.18
CA ALA A 187 11.35 3.06 -24.29
C ALA A 187 12.62 3.91 -24.33
N ALA A 188 13.04 4.30 -25.53
CA ALA A 188 14.30 5.05 -25.66
C ALA A 188 14.19 6.41 -25.01
N GLN A 189 13.07 7.06 -25.26
CA GLN A 189 12.79 8.37 -24.70
C GLN A 189 12.71 8.29 -23.17
N LEU A 190 12.01 7.28 -22.69
CA LEU A 190 11.82 7.12 -21.25
C LEU A 190 13.15 6.89 -20.58
N ARG A 191 13.97 6.05 -21.21
CA ARG A 191 15.29 5.73 -20.64
CA ARG A 191 15.30 5.72 -20.67
C ARG A 191 16.14 6.99 -20.53
N GLU A 192 16.10 7.81 -21.57
CA GLU A 192 16.91 9.02 -21.57
CA GLU A 192 16.89 9.03 -21.60
C GLU A 192 16.46 10.00 -20.53
N GLU A 193 15.15 10.19 -20.42
CA GLU A 193 14.62 11.13 -19.45
C GLU A 193 14.84 10.67 -18.02
N LEU A 194 14.66 9.39 -17.77
CA LEU A 194 15.00 8.86 -16.45
C LEU A 194 16.50 9.07 -16.13
N ALA A 195 17.36 8.87 -17.12
CA ALA A 195 18.80 9.03 -16.92
C ALA A 195 19.13 10.45 -16.55
N ALA A 196 18.33 11.38 -17.08
CA ALA A 196 18.53 12.82 -16.79
C ALA A 196 18.25 13.12 -15.32
N LEU A 197 17.48 12.25 -14.69
CA LEU A 197 17.15 12.38 -13.28
C LEU A 197 18.06 11.56 -12.41
N GLY A 198 19.02 10.91 -13.04
CA GLY A 198 20.00 10.10 -12.33
C GLY A 198 19.60 8.64 -12.16
N VAL A 199 18.50 8.28 -12.79
CA VAL A 199 17.99 6.91 -12.76
C VAL A 199 18.52 6.18 -13.97
N ARG A 200 19.48 5.30 -13.73
CA ARG A 200 20.16 4.58 -14.79
CA ARG A 200 20.15 4.57 -14.79
C ARG A 200 20.21 3.06 -14.56
N MSE B 2 4.80 -23.94 0.84
N MSE B 2 6.57 -24.79 0.56
CA MSE B 2 5.56 -23.04 -0.09
CA MSE B 2 6.54 -23.51 1.35
C MSE B 2 6.63 -22.18 0.56
C MSE B 2 7.45 -22.40 0.90
O MSE B 2 6.55 -21.73 1.71
O MSE B 2 8.16 -21.89 1.78
CB MSE B 2 4.61 -22.09 -0.83
CB MSE B 2 7.04 -23.73 2.79
CG MSE B 2 3.87 -22.66 -2.06
CG MSE B 2 6.00 -23.91 3.86
SE MSE B 2 2.39 -21.55 -2.79
SE MSE B 2 6.63 -23.13 5.54
CE MSE B 2 0.97 -22.11 -1.58
CE MSE B 2 5.36 -23.95 6.76
N THR B 3 7.56 -21.92 -0.34
CA THR B 3 8.63 -20.96 -0.25
C THR B 3 8.06 -19.66 0.28
N ILE B 4 8.64 -19.19 1.39
CA ILE B 4 8.26 -17.87 1.91
C ILE B 4 8.90 -16.85 1.04
N LYS B 5 8.10 -15.92 0.56
CA LYS B 5 8.59 -14.85 -0.32
C LYS B 5 8.51 -13.46 0.27
N ALA B 6 7.76 -13.31 1.35
CA ALA B 6 7.55 -11.98 1.94
C ALA B 6 7.30 -12.06 3.42
N LEU B 7 7.93 -11.14 4.15
CA LEU B 7 7.69 -11.00 5.59
C LEU B 7 6.97 -9.69 5.85
N PHE B 8 5.94 -9.76 6.70
CA PHE B 8 5.16 -8.58 7.15
C PHE B 8 5.46 -8.39 8.63
N TRP B 9 5.84 -7.16 8.97
CA TRP B 9 6.27 -6.81 10.31
C TRP B 9 5.40 -5.79 11.00
N ASP B 10 5.01 -6.15 12.20
CA ASP B 10 4.46 -5.24 13.16
C ASP B 10 5.66 -4.33 13.53
N ILE B 11 5.39 -3.08 13.92
CA ILE B 11 6.48 -2.17 14.35
C ILE B 11 6.49 -2.09 15.89
N GLY B 12 5.44 -1.53 16.45
CA GLY B 12 5.34 -1.40 17.89
C GLY B 12 5.29 -2.73 18.59
N GLY B 13 6.17 -2.89 19.56
CA GLY B 13 6.26 -4.11 20.34
C GLY B 13 7.15 -5.17 19.72
N VAL B 14 7.72 -4.84 18.57
CA VAL B 14 8.56 -5.76 17.81
C VAL B 14 9.86 -5.10 17.39
N LEU B 15 9.74 -4.14 16.48
CA LEU B 15 10.95 -3.42 15.99
C LEU B 15 11.32 -2.27 16.90
N LEU B 16 10.29 -1.65 17.43
CA LEU B 16 10.38 -0.51 18.34
C LEU B 16 9.46 -0.72 19.51
N THR B 17 9.60 0.13 20.52
CA THR B 17 8.61 0.14 21.60
C THR B 17 7.30 0.64 20.98
N ASN B 18 6.19 0.44 21.66
CA ASN B 18 4.94 1.02 21.18
C ASN B 18 5.06 2.52 21.17
N GLY B 19 4.35 3.15 20.26
CA GLY B 19 4.42 4.59 20.10
C GLY B 19 3.57 5.38 21.08
N TRP B 20 2.40 4.83 21.41
CA TRP B 20 1.40 5.61 22.18
C TRP B 20 0.41 4.73 22.93
N ASP B 21 0.96 3.69 23.52
CA ASP B 21 0.17 2.76 24.32
CA ASP B 21 0.20 2.76 24.33
C ASP B 21 0.17 3.24 25.78
N ARG B 22 -0.32 2.39 26.65
CA ARG B 22 -0.57 2.79 28.02
CA ARG B 22 -0.54 2.73 28.07
C ARG B 22 0.66 3.37 28.71
N GLU B 23 1.77 2.73 28.49
CA GLU B 23 2.98 3.17 29.14
C GLU B 23 3.48 4.55 28.70
N GLN B 24 3.41 4.75 27.40
CA GLN B 24 3.88 5.99 26.81
C GLN B 24 2.99 7.14 27.26
N ARG B 25 1.70 6.86 27.26
CA ARG B 25 0.70 7.87 27.67
CA ARG B 25 0.70 7.88 27.66
C ARG B 25 0.84 8.22 29.14
N ALA B 26 1.14 7.21 29.94
CA ALA B 26 1.28 7.41 31.37
C ALA B 26 2.44 8.36 31.68
N ASP B 27 3.53 8.16 30.94
CA ASP B 27 4.71 9.01 31.16
C ASP B 27 4.44 10.44 30.75
N VAL B 28 3.74 10.59 29.63
CA VAL B 28 3.49 11.93 29.09
C VAL B 28 2.45 12.66 29.97
N ALA B 29 1.49 11.92 30.48
CA ALA B 29 0.49 12.52 31.40
C ALA B 29 1.17 13.10 32.61
N GLN B 30 2.18 12.37 33.09
CA GLN B 30 2.92 12.80 34.29
CA GLN B 30 2.93 12.77 34.26
C GLN B 30 3.75 14.03 33.98
N ARG B 31 4.35 14.04 32.80
CA ARG B 31 5.20 15.14 32.37
CA ARG B 31 5.21 15.14 32.42
C ARG B 31 4.43 16.45 32.36
N PHE B 32 3.18 16.36 31.88
CA PHE B 32 2.33 17.55 31.69
C PHE B 32 1.29 17.80 32.77
N GLY B 33 1.32 16.96 33.80
CA GLY B 33 0.41 17.10 34.94
C GLY B 33 -1.05 16.91 34.59
N LEU B 34 -1.27 16.05 33.61
CA LEU B 34 -2.65 15.76 33.17
C LEU B 34 -3.35 14.83 34.13
N ASP B 35 -4.65 15.05 34.25
CA ASP B 35 -5.54 14.18 35.02
C ASP B 35 -5.61 12.88 34.26
N THR B 36 -5.14 11.84 34.91
CA THR B 36 -4.99 10.52 34.28
CA THR B 36 -4.99 10.53 34.24
C THR B 36 -6.31 9.90 33.84
N ASP B 37 -7.33 10.05 34.67
CA ASP B 37 -8.63 9.44 34.34
C ASP B 37 -9.27 10.08 33.10
N ASP B 38 -9.22 11.40 33.06
CA ASP B 38 -9.85 12.17 31.99
CA ASP B 38 -9.84 12.17 31.99
C ASP B 38 -9.07 11.96 30.69
N PHE B 39 -7.76 12.00 30.80
CA PHE B 39 -6.87 11.83 29.65
C PHE B 39 -7.06 10.46 29.03
N THR B 40 -7.13 9.45 29.90
CA THR B 40 -7.28 8.06 29.45
C THR B 40 -8.60 7.82 28.74
N GLU B 41 -9.64 8.35 29.33
CA GLU B 41 -10.99 8.15 28.78
C GLU B 41 -11.13 8.88 27.43
N ARG B 42 -10.60 10.09 27.36
CA ARG B 42 -10.69 10.87 26.12
C ARG B 42 -9.91 10.20 25.01
N HIS B 43 -8.76 9.70 25.38
CA HIS B 43 -7.92 8.98 24.45
C HIS B 43 -8.64 7.75 23.91
N ARG B 44 -9.29 7.03 24.82
CA ARG B 44 -10.00 5.81 24.44
CA ARG B 44 -9.99 5.81 24.41
C ARG B 44 -11.04 6.11 23.36
N LEU B 45 -11.77 7.18 23.56
CA LEU B 45 -12.81 7.55 22.60
C LEU B 45 -12.27 7.97 21.25
N ALA B 46 -11.18 8.75 21.25
CA ALA B 46 -10.70 9.36 20.01
C ALA B 46 -9.68 8.54 19.25
N ALA B 47 -8.97 7.70 19.98
CA ALA B 47 -7.82 6.99 19.40
C ALA B 47 -8.04 6.23 18.08
N PRO B 48 -9.12 5.44 17.99
CA PRO B 48 -9.26 4.67 16.78
C PRO B 48 -9.27 5.48 15.50
N GLU B 49 -9.95 6.62 15.55
CA GLU B 49 -10.07 7.46 14.36
C GLU B 49 -8.75 8.10 14.00
N LEU B 50 -7.92 8.32 15.01
CA LEU B 50 -6.54 8.83 14.76
C LEU B 50 -5.71 7.70 14.14
N GLU B 51 -5.83 6.53 14.71
CA GLU B 51 -5.11 5.37 14.17
C GLU B 51 -5.49 5.06 12.74
N LEU B 52 -6.74 5.31 12.41
CA LEU B 52 -7.29 5.00 11.08
C LEU B 52 -7.11 6.11 10.07
N GLY B 53 -6.51 7.22 10.54
CA GLY B 53 -6.20 8.34 9.69
C GLY B 53 -7.38 9.15 9.24
N ARG B 54 -8.47 9.09 10.02
CA ARG B 54 -9.71 9.81 9.69
C ARG B 54 -9.96 11.04 10.55
N MSE B 55 -9.07 11.22 11.51
CA MSE B 55 -9.01 12.48 12.28
C MSE B 55 -7.54 12.89 12.37
O MSE B 55 -6.63 12.04 12.31
CB MSE B 55 -9.71 12.38 13.64
CG MSE B 55 -8.87 12.08 14.79
SE MSE B 55 -9.98 11.90 16.40
CE MSE B 55 -10.47 13.65 16.92
N THR B 56 -7.30 14.19 12.41
CA THR B 56 -5.93 14.71 12.46
C THR B 56 -5.40 14.70 13.88
N LEU B 57 -4.08 14.72 13.98
CA LEU B 57 -3.43 14.76 15.29
C LEU B 57 -3.92 16.02 16.01
N ALA B 58 -4.10 17.10 15.26
CA ALA B 58 -4.56 18.35 15.87
C ALA B 58 -5.94 18.18 16.51
N GLU B 59 -6.83 17.53 15.76
CA GLU B 59 -8.18 17.29 16.23
C GLU B 59 -8.17 16.39 17.47
N TYR B 60 -7.35 15.37 17.41
CA TYR B 60 -7.21 14.43 18.53
C TYR B 60 -6.74 15.19 19.78
N LEU B 61 -5.71 15.98 19.60
CA LEU B 61 -5.15 16.72 20.74
C LEU B 61 -6.14 17.73 21.30
N GLU B 62 -6.96 18.31 20.44
CA GLU B 62 -7.95 19.29 20.91
C GLU B 62 -8.91 18.62 21.90
N GLN B 63 -9.23 17.38 21.60
CA GLN B 63 -10.16 16.62 22.43
C GLN B 63 -9.54 15.95 23.64
N VAL B 64 -8.32 15.50 23.49
CA VAL B 64 -7.70 14.67 24.52
C VAL B 64 -6.89 15.46 25.52
N VAL B 65 -6.43 16.64 25.10
CA VAL B 65 -5.55 17.46 25.94
C VAL B 65 -5.98 18.92 26.08
N PHE B 66 -6.27 19.54 24.95
CA PHE B 66 -6.50 20.99 24.92
C PHE B 66 -7.94 21.39 25.04
N TYR B 67 -8.64 20.66 25.91
CA TYR B 67 -10.06 20.94 26.19
C TYR B 67 -10.22 21.99 27.31
N GLN B 68 -9.07 22.34 27.90
CA GLN B 68 -9.01 23.38 28.90
CA GLN B 68 -9.00 23.38 28.93
C GLN B 68 -7.68 24.12 28.70
N PRO B 69 -7.53 25.29 29.33
CA PRO B 69 -6.24 25.98 29.15
C PRO B 69 -5.09 25.15 29.68
N ARG B 70 -3.97 25.20 28.95
CA ARG B 70 -2.75 24.46 29.30
C ARG B 70 -1.56 25.39 29.27
N ASP B 71 -0.57 25.00 30.03
CA ASP B 71 0.62 25.77 30.18
C ASP B 71 1.71 25.25 29.27
N PHE B 72 1.27 24.79 28.11
CA PHE B 72 2.14 24.24 27.07
C PHE B 72 1.40 24.22 25.76
N THR B 73 2.10 23.99 24.66
CA THR B 73 1.48 24.05 23.35
C THR B 73 1.29 22.66 22.72
N PRO B 74 0.43 22.57 21.71
CA PRO B 74 0.24 21.29 21.03
C PRO B 74 1.56 20.78 20.45
N GLU B 75 2.40 21.71 20.05
CA GLU B 75 3.71 21.37 19.45
C GLU B 75 4.66 20.78 20.50
N ASP B 76 4.59 21.38 21.69
CA ASP B 76 5.35 20.87 22.84
C ASP B 76 4.93 19.43 23.10
N PHE B 77 3.64 19.22 23.03
CA PHE B 77 3.09 17.91 23.39
C PHE B 77 3.50 16.85 22.35
N ARG B 78 3.36 17.23 21.11
CA ARG B 78 3.68 16.35 19.98
C ARG B 78 5.13 15.93 20.07
N ALA B 79 6.01 16.86 20.46
CA ALA B 79 7.44 16.54 20.50
C ALA B 79 7.70 15.50 21.56
N VAL B 80 7.02 15.67 22.68
CA VAL B 80 7.21 14.75 23.80
C VAL B 80 6.64 13.37 23.44
N MSE B 81 5.52 13.36 22.71
CA MSE B 81 4.93 12.08 22.25
C MSE B 81 5.97 11.30 21.47
O MSE B 81 6.23 10.11 21.67
CB MSE B 81 3.74 12.30 21.32
CG MSE B 81 2.52 12.84 21.97
SE MSE B 81 1.05 13.09 20.70
CE MSE B 81 1.12 11.38 19.97
N GLU B 82 6.55 12.02 20.53
CA GLU B 82 7.55 11.44 19.61
C GLU B 82 8.75 10.86 20.34
N GLU B 83 9.16 11.57 21.37
CA GLU B 83 10.31 11.19 22.17
C GLU B 83 10.19 9.88 22.90
N GLN B 84 8.96 9.40 23.03
CA GLN B 84 8.74 8.17 23.81
C GLN B 84 9.23 6.93 23.05
N SER B 85 9.29 7.05 21.73
CA SER B 85 9.69 5.92 20.89
C SER B 85 11.15 5.58 20.99
N GLN B 86 11.40 4.31 21.17
CA GLN B 86 12.77 3.82 21.20
CA GLN B 86 12.75 3.81 21.23
C GLN B 86 12.88 2.45 20.52
N PRO B 87 14.10 2.05 20.21
CA PRO B 87 14.25 0.77 19.52
C PRO B 87 14.28 -0.48 20.41
N ARG B 88 14.02 -1.58 19.72
CA ARG B 88 14.23 -2.96 20.24
C ARG B 88 15.45 -3.42 19.45
N PRO B 89 16.67 -3.14 19.97
CA PRO B 89 17.85 -3.31 19.13
C PRO B 89 18.08 -4.67 18.56
N GLU B 90 17.82 -5.72 19.33
CA GLU B 90 18.12 -7.08 18.82
C GLU B 90 17.15 -7.53 17.71
N VAL B 91 15.91 -7.05 17.82
CA VAL B 91 14.88 -7.42 16.84
C VAL B 91 15.18 -6.61 15.58
N LEU B 92 15.50 -5.33 15.79
CA LEU B 92 15.90 -4.48 14.64
C LEU B 92 17.04 -5.12 13.89
N ALA B 93 18.05 -5.58 14.62
CA ALA B 93 19.21 -6.19 13.96
C ALA B 93 18.85 -7.41 13.12
N LEU B 94 17.93 -8.20 13.65
CA LEU B 94 17.48 -9.43 13.00
C LEU B 94 16.76 -9.07 11.70
N ALA B 95 15.91 -8.06 11.81
CA ALA B 95 15.11 -7.60 10.66
C ALA B 95 16.06 -7.05 9.59
N ARG B 96 17.04 -6.27 10.00
CA ARG B 96 17.96 -5.68 9.02
CA ARG B 96 18.00 -5.69 9.03
C ARG B 96 18.73 -6.79 8.30
N ASP B 97 19.02 -7.85 9.03
CA ASP B 97 19.74 -8.96 8.45
C ASP B 97 18.90 -9.62 7.37
N LEU B 98 17.68 -9.98 7.76
CA LEU B 98 16.76 -10.73 6.89
C LEU B 98 16.37 -9.93 5.64
N GLY B 99 16.38 -8.62 5.82
CA GLY B 99 16.00 -7.69 4.76
C GLY B 99 16.95 -7.78 3.59
N GLN B 100 18.05 -8.45 3.81
CA GLN B 100 19.05 -8.57 2.73
C GLN B 100 18.65 -9.65 1.77
N ARG B 101 17.77 -10.51 2.24
CA ARG B 101 17.42 -11.71 1.51
C ARG B 101 15.95 -11.91 1.19
N TYR B 102 15.13 -11.05 1.81
CA TYR B 102 13.68 -11.11 1.62
C TYR B 102 13.07 -9.75 1.44
N ARG B 103 11.99 -9.75 0.66
CA ARG B 103 11.11 -8.59 0.54
C ARG B 103 10.32 -8.57 1.84
N MSE B 104 10.33 -7.40 2.45
CA MSE B 104 9.64 -7.22 3.74
C MSE B 104 8.89 -5.91 3.75
O MSE B 104 9.30 -4.95 3.12
CB MSE B 104 10.66 -7.29 4.88
CG MSE B 104 11.60 -8.46 4.75
SE MSE B 104 12.65 -8.89 6.34
CE MSE B 104 13.08 -7.07 6.84
N TYR B 105 7.78 -5.93 4.47
CA TYR B 105 6.87 -4.81 4.57
C TYR B 105 6.36 -4.63 5.98
N SER B 106 5.93 -3.42 6.36
CA SER B 106 5.25 -3.31 7.65
C SER B 106 3.77 -3.57 7.47
N LEU B 107 3.15 -4.01 8.55
CA LEU B 107 1.71 -4.17 8.64
C LEU B 107 1.44 -3.78 10.09
N ASN B 108 1.01 -2.52 10.27
CA ASN B 108 0.99 -1.95 11.62
C ASN B 108 -0.03 -0.88 11.82
N ASN B 109 -0.42 -0.74 13.09
CA ASN B 109 -1.41 0.28 13.50
C ASN B 109 -0.70 1.47 14.15
N GLU B 110 -0.83 2.62 13.54
CA GLU B 110 -0.20 3.83 14.10
C GLU B 110 -0.76 5.03 13.39
N GLY B 111 -0.88 6.11 14.15
CA GLY B 111 -1.27 7.40 13.58
C GLY B 111 -0.17 7.85 12.63
N ARG B 112 -0.56 8.66 11.67
CA ARG B 112 0.35 9.06 10.58
C ARG B 112 1.59 9.78 11.08
N ASP B 113 1.37 10.77 11.93
CA ASP B 113 2.50 11.60 12.42
C ASP B 113 3.57 10.81 13.17
N LEU B 114 3.15 10.03 14.13
CA LEU B 114 4.09 9.23 14.94
CA LEU B 114 4.11 9.22 14.91
C LEU B 114 4.73 8.15 14.04
N ASN B 115 3.93 7.62 13.14
CA ASN B 115 4.42 6.56 12.24
C ASN B 115 5.60 7.06 11.43
N GLU B 116 5.42 8.24 10.86
CA GLU B 116 6.43 8.79 9.98
CA GLU B 116 6.43 8.85 9.99
C GLU B 116 7.66 9.21 10.80
N TYR B 117 7.44 9.72 12.00
CA TYR B 117 8.56 10.10 12.87
C TYR B 117 9.41 8.85 13.17
N ARG B 118 8.72 7.78 13.49
CA ARG B 118 9.39 6.50 13.87
C ARG B 118 10.15 5.90 12.72
N ILE B 119 9.52 5.91 11.54
CA ILE B 119 10.14 5.34 10.33
C ILE B 119 11.43 6.07 9.97
N ARG B 120 11.36 7.38 10.04
CA ARG B 120 12.47 8.21 9.67
C ARG B 120 13.57 8.15 10.71
N THR B 121 13.17 8.31 11.95
CA THR B 121 14.13 8.36 13.05
C THR B 121 14.95 7.08 13.16
N PHE B 122 14.30 5.95 12.93
CA PHE B 122 14.97 4.66 13.17
C PHE B 122 15.38 3.91 11.93
N GLY B 123 15.24 4.59 10.80
CA GLY B 123 15.70 4.06 9.49
C GLY B 123 15.00 2.79 9.05
N LEU B 124 13.71 2.69 9.38
CA LEU B 124 12.96 1.45 9.08
C LEU B 124 12.83 1.16 7.58
N GLY B 125 12.92 2.23 6.81
CA GLY B 125 12.81 2.15 5.37
C GLY B 125 14.03 1.51 4.77
N GLU B 126 15.06 1.31 5.56
CA GLU B 126 16.26 0.70 5.02
C GLU B 126 16.00 -0.74 4.69
N PHE B 127 15.07 -1.35 5.42
CA PHE B 127 14.82 -2.79 5.25
C PHE B 127 13.38 -3.18 4.97
N LEU B 128 12.46 -2.23 5.14
CA LEU B 128 11.04 -2.44 4.82
C LEU B 128 10.76 -1.65 3.54
N LEU B 129 10.09 -2.30 2.59
CA LEU B 129 9.86 -1.76 1.24
C LEU B 129 8.62 -0.91 1.07
N ALA B 130 7.68 -1.09 1.99
CA ALA B 130 6.44 -0.30 2.08
C ALA B 130 5.88 -0.50 3.47
N PHE B 131 5.02 0.43 3.82
CA PHE B 131 4.44 0.49 5.15
C PHE B 131 2.94 0.47 5.07
N PHE B 132 2.39 -0.71 5.31
CA PHE B 132 0.96 -0.92 5.21
C PHE B 132 0.37 -0.61 6.59
N THR B 133 0.25 0.68 6.82
CA THR B 133 -0.14 1.25 8.08
C THR B 133 -1.60 1.65 8.11
N SER B 134 -2.18 1.44 9.28
CA SER B 134 -3.61 1.70 9.51
C SER B 134 -4.07 3.10 9.11
N SER B 135 -3.23 4.09 9.39
CA SER B 135 -3.57 5.48 9.14
C SER B 135 -3.51 5.85 7.67
N ALA B 136 -2.85 5.00 6.90
CA ALA B 136 -2.78 5.22 5.44
C ALA B 136 -3.93 4.48 4.74
N LEU B 137 -4.25 3.31 5.28
CA LEU B 137 -5.18 2.36 4.62
C LEU B 137 -6.60 2.37 5.11
N GLY B 138 -6.81 2.94 6.29
CA GLY B 138 -8.18 3.09 6.79
C GLY B 138 -8.82 1.84 7.39
N VAL B 139 -7.99 0.82 7.57
CA VAL B 139 -8.31 -0.43 8.27
C VAL B 139 -7.14 -0.72 9.19
N MSE B 140 -7.41 -1.53 10.20
CA MSE B 140 -6.39 -1.85 11.19
C MSE B 140 -6.39 -3.32 11.59
O MSE B 140 -7.38 -4.01 11.51
CB MSE B 140 -6.59 -1.01 12.46
CG MSE B 140 -7.76 -1.47 13.20
SE MSE B 140 -8.11 -0.55 14.91
CE MSE B 140 -8.55 0.96 14.31
N LYS B 141 -5.25 -3.79 12.02
CA LYS B 141 -5.14 -5.12 12.60
C LYS B 141 -6.03 -5.06 13.83
N PRO B 142 -6.67 -6.18 14.21
CA PRO B 142 -6.63 -7.55 13.72
C PRO B 142 -7.69 -7.91 12.65
N ASN B 143 -8.25 -6.88 12.04
CA ASN B 143 -9.25 -7.10 10.98
C ASN B 143 -8.65 -8.01 9.89
N PRO B 144 -9.31 -9.13 9.54
CA PRO B 144 -8.81 -9.96 8.45
C PRO B 144 -8.57 -9.15 7.17
N ALA B 145 -9.39 -8.13 6.97
CA ALA B 145 -9.28 -7.29 5.77
C ALA B 145 -7.93 -6.60 5.69
N MSE B 146 -7.34 -6.29 6.84
CA MSE B 146 -6.02 -5.63 6.87
C MSE B 146 -4.95 -6.58 6.32
O MSE B 146 -4.12 -6.19 5.50
CB MSE B 146 -5.64 -5.22 8.29
CG MSE B 146 -4.28 -4.60 8.48
SE MSE B 146 -3.96 -3.05 7.34
CE MSE B 146 -2.87 -2.00 8.63
N TYR B 147 -5.02 -7.82 6.77
CA TYR B 147 -4.06 -8.87 6.32
C TYR B 147 -4.24 -9.09 4.83
N ARG B 148 -5.49 -9.25 4.40
CA ARG B 148 -5.75 -9.48 2.98
CA ARG B 148 -5.76 -9.48 2.98
C ARG B 148 -5.29 -8.32 2.11
N LEU B 149 -5.46 -7.11 2.62
CA LEU B 149 -5.01 -5.90 1.89
C LEU B 149 -3.50 -5.88 1.75
N GLY B 150 -2.79 -6.21 2.82
CA GLY B 150 -1.32 -6.28 2.73
C GLY B 150 -0.87 -7.26 1.66
N LEU B 151 -1.53 -8.41 1.61
CA LEU B 151 -1.19 -9.46 0.64
C LEU B 151 -1.48 -8.98 -0.78
N THR B 152 -2.57 -8.26 -0.89
CA THR B 152 -3.02 -7.74 -2.20
C THR B 152 -2.08 -6.68 -2.73
N LEU B 153 -1.59 -5.85 -1.82
CA LEU B 153 -0.67 -4.79 -2.21
C LEU B 153 0.70 -5.35 -2.56
N ALA B 154 1.16 -6.34 -1.79
CA ALA B 154 2.50 -6.93 -2.01
C ALA B 154 2.48 -7.94 -3.16
N GLN B 155 1.27 -8.37 -3.49
CA GLN B 155 1.03 -9.44 -4.47
C GLN B 155 1.77 -10.75 -4.14
N VAL B 156 1.46 -11.25 -2.95
CA VAL B 156 1.96 -12.56 -2.55
CA VAL B 156 1.98 -12.54 -2.47
C VAL B 156 0.80 -13.41 -2.00
N ARG B 157 0.89 -14.70 -2.23
CA ARG B 157 -0.14 -15.64 -1.75
C ARG B 157 0.00 -15.73 -0.23
N PRO B 158 -1.10 -15.98 0.48
CA PRO B 158 -1.02 -16.07 1.94
C PRO B 158 0.08 -17.02 2.41
N GLU B 159 0.14 -18.17 1.78
CA GLU B 159 1.04 -19.24 2.19
C GLU B 159 2.50 -18.96 1.89
N GLU B 160 2.71 -17.88 1.15
CA GLU B 160 4.04 -17.39 0.75
CA GLU B 160 4.09 -17.48 0.84
C GLU B 160 4.50 -16.27 1.68
N ALA B 161 3.67 -16.00 2.67
CA ALA B 161 3.91 -14.88 3.59
C ALA B 161 3.97 -15.29 5.06
N VAL B 162 4.76 -14.52 5.79
CA VAL B 162 4.86 -14.67 7.23
CA VAL B 162 4.84 -14.67 7.24
C VAL B 162 4.58 -13.32 7.91
N MSE B 163 3.69 -13.34 8.89
CA MSE B 163 3.37 -12.19 9.74
C MSE B 163 4.12 -12.31 11.08
O MSE B 163 4.09 -13.34 11.74
CB MSE B 163 1.88 -12.12 10.08
CG MSE B 163 1.53 -10.97 11.03
SE MSE B 163 1.66 -9.27 10.12
CE MSE B 163 1.71 -8.06 11.68
N VAL B 164 4.77 -11.23 11.47
CA VAL B 164 5.47 -11.14 12.77
C VAL B 164 4.76 -10.08 13.62
N ASP B 165 4.21 -10.52 14.74
CA ASP B 165 3.48 -9.62 15.66
C ASP B 165 3.69 -10.07 17.10
N ASP B 166 3.64 -9.12 18.03
CA ASP B 166 3.83 -9.49 19.44
C ASP B 166 2.55 -9.96 20.10
N ARG B 167 1.42 -9.80 19.41
CA ARG B 167 0.11 -10.16 19.99
C ARG B 167 -0.45 -11.41 19.35
N LEU B 168 -0.77 -12.37 20.21
CA LEU B 168 -1.29 -13.66 19.78
C LEU B 168 -2.52 -13.49 18.88
N GLN B 169 -3.38 -12.55 19.23
CA GLN B 169 -4.61 -12.37 18.47
C GLN B 169 -4.32 -12.02 17.02
N ASN B 170 -3.27 -11.23 16.85
CA ASN B 170 -2.82 -10.79 15.50
C ASN B 170 -2.21 -11.93 14.73
N VAL B 171 -1.45 -12.74 15.44
CA VAL B 171 -0.83 -13.94 14.86
C VAL B 171 -1.89 -14.92 14.35
N GLN B 172 -2.90 -15.11 15.18
CA GLN B 172 -3.99 -16.03 14.85
C GLN B 172 -4.83 -15.51 13.70
N ALA B 173 -5.02 -14.20 13.66
CA ALA B 173 -5.79 -13.58 12.56
C ALA B 173 -5.07 -13.75 11.22
N ALA B 174 -3.76 -13.62 11.28
CA ALA B 174 -2.93 -13.79 10.07
C ALA B 174 -3.07 -15.21 9.57
N ARG B 175 -3.00 -16.16 10.49
CA ARG B 175 -3.08 -17.57 10.12
C ARG B 175 -4.42 -17.92 9.52
N ALA B 176 -5.43 -17.23 10.04
CA ALA B 176 -6.81 -17.46 9.60
C ALA B 176 -7.05 -17.06 8.13
N VAL B 177 -6.22 -16.15 7.61
CA VAL B 177 -6.36 -15.76 6.21
C VAL B 177 -5.43 -16.60 5.35
N GLY B 178 -4.70 -17.47 6.03
CA GLY B 178 -3.80 -18.44 5.37
C GLY B 178 -2.30 -18.14 5.41
N MSE B 179 -1.94 -17.08 6.13
CA MSE B 179 -0.52 -16.72 6.27
C MSE B 179 0.14 -17.56 7.33
O MSE B 179 -0.51 -18.12 8.19
CB MSE B 179 -0.33 -15.25 6.69
CG MSE B 179 -0.92 -14.27 5.72
SE MSE B 179 -0.95 -12.47 6.43
CE MSE B 179 0.86 -11.99 6.25
N HIS B 180 1.46 -17.68 7.21
CA HIS B 180 2.26 -18.22 8.31
C HIS B 180 2.45 -17.03 9.26
N ALA B 181 2.69 -17.32 10.52
CA ALA B 181 2.87 -16.25 11.51
C ALA B 181 3.65 -16.71 12.72
N VAL B 182 4.37 -15.75 13.26
CA VAL B 182 5.16 -15.95 14.48
C VAL B 182 4.89 -14.84 15.48
N GLN B 183 4.67 -15.25 16.70
CA GLN B 183 4.51 -14.29 17.79
C GLN B 183 5.89 -13.91 18.27
N CYS B 184 6.19 -12.63 18.18
CA CYS B 184 7.50 -12.12 18.61
C CYS B 184 7.55 -11.90 20.11
N VAL B 185 8.38 -12.71 20.76
CA VAL B 185 8.63 -12.60 22.19
C VAL B 185 9.99 -11.96 22.39
N ASP B 186 10.98 -12.56 21.78
CA ASP B 186 12.32 -11.98 21.75
C ASP B 186 13.04 -12.33 20.48
N ALA B 187 14.15 -11.65 20.25
CA ALA B 187 14.87 -11.79 18.99
C ALA B 187 15.36 -13.22 18.73
N ALA B 188 15.86 -13.87 19.76
CA ALA B 188 16.41 -15.22 19.60
C ALA B 188 15.30 -16.19 19.27
N GLN B 189 14.19 -16.02 19.98
CA GLN B 189 13.02 -16.87 19.79
C GLN B 189 12.44 -16.68 18.40
N LEU B 190 12.40 -15.42 17.97
CA LEU B 190 11.86 -15.04 16.66
C LEU B 190 12.70 -15.60 15.55
N ARG B 191 14.00 -15.50 15.72
CA ARG B 191 14.91 -16.00 14.69
CA ARG B 191 14.95 -16.01 14.73
C ARG B 191 14.72 -17.51 14.53
N GLU B 192 14.52 -18.18 15.65
CA GLU B 192 14.36 -19.65 15.64
C GLU B 192 13.07 -20.07 14.97
N GLU B 193 12.00 -19.36 15.31
CA GLU B 193 10.68 -19.69 14.76
C GLU B 193 10.64 -19.40 13.28
N LEU B 194 11.36 -18.37 12.88
CA LEU B 194 11.42 -18.00 11.46
C LEU B 194 12.18 -19.09 10.70
N ALA B 195 13.20 -19.62 11.35
CA ALA B 195 14.05 -20.65 10.72
C ALA B 195 13.26 -21.90 10.47
N ALA B 196 12.31 -22.14 11.35
CA ALA B 196 11.47 -23.33 11.25
C ALA B 196 10.55 -23.25 10.05
N LEU B 197 10.43 -22.04 9.51
CA LEU B 197 9.57 -21.77 8.35
C LEU B 197 10.40 -21.63 7.10
N GLY B 198 11.70 -21.77 7.28
CA GLY B 198 12.64 -21.72 6.16
C GLY B 198 13.21 -20.37 5.89
N VAL B 199 12.84 -19.44 6.76
CA VAL B 199 13.34 -18.06 6.66
C VAL B 199 14.58 -17.89 7.51
N ARG B 200 15.70 -17.66 6.84
CA ARG B 200 17.01 -17.52 7.45
C ARG B 200 17.87 -16.42 6.84
NA NA C . -1.87 4.58 -18.78
P PO4 D . -3.42 2.18 -15.81
O1 PO4 D . -3.47 3.16 -14.71
O2 PO4 D . -2.99 2.89 -17.10
O3 PO4 D . -2.65 0.89 -15.54
O4 PO4 D . -4.82 1.71 -16.20
O1 PG4 E . 17.62 -2.33 -5.58
C1 PG4 E . 16.61 -3.27 -5.96
C2 PG4 E . 15.40 -3.04 -5.07
O2 PG4 E . 14.82 -4.29 -4.75
C3 PG4 E . 14.43 -4.33 -3.38
C4 PG4 E . 14.09 -5.76 -2.99
O3 PG4 E . 14.82 -6.09 -1.81
C5 PG4 E . 14.55 -7.41 -1.34
C6 PG4 E . 15.86 -8.04 -0.92
O4 PG4 E . 15.97 -9.30 -1.57
NA NA F . 2.47 -4.71 18.41
P PO4 G . 1.70 -1.64 15.91
O1 PO4 G . 1.11 -0.45 16.66
O2 PO4 G . 2.95 -1.07 15.19
O3 PO4 G . 2.04 -2.56 17.08
O4 PO4 G . 0.69 -2.28 15.03
C1 GOL H . -0.42 18.46 14.87
O1 GOL H . 0.73 17.70 14.60
C2 GOL H . -0.44 18.91 16.32
O2 GOL H . 0.84 18.82 16.93
C3 GOL H . -0.90 20.35 16.35
O3 GOL H . -2.12 20.44 17.02
#